data_7VBX
#
_entry.id   7VBX
#
_cell.length_a   109.155
_cell.length_b   109.155
_cell.length_c   84.359
_cell.angle_alpha   90.000
_cell.angle_beta   90.000
_cell.angle_gamma   120.000
#
_symmetry.space_group_name_H-M   'P 64'
#
loop_
_entity.id
_entity.type
_entity.pdbx_description
1 polymer '[Pyruvate dehydrogenase (acetyl-transferring)] kinase isozyme 2, mitochondrial'
2 non-polymer 'CHLORIDE ION'
3 non-polymer 'ACETATE ION'
4 non-polymer 'DIMETHYL SULFOXIDE'
5 non-polymer (3~{S})-3-[5-(8-cyclopropyl-2-methyl-9~{H}-pyrido[2,3-b]indol-3-yl)-1,3,4-oxadiazol-2-yl]-4-methyl-~{N}-[(1~{R})-1-phenylethyl]pentanamide
6 water water
#
_entity_poly.entity_id   1
_entity_poly.type   'polypeptide(L)'
_entity_poly.pdbx_seq_one_letter_code
;GSAPKYIEHFSKFSPSPLSMKQFLDFGSSNACEKTSFTFLRQELPVRLANIMKEINLLPDRVLSTPSVQLVQSWYVQSLL
DIMEFLDKDPEDHRTLSQFTDALVTIRNRHNDVVPTMAQGVLEYKDTYGDDPVSNQNIQYFLDRFYLSRISIRMLINQHT
LIFDGSTNPAHPKHIGSIDPNCNVSEVVKDAYDMAKLLCDKYYMASPDLEIQEINAANSKQPIHMVYVPSHLYHMLFELF
KNAMRATVESHESSLILPPIKVMVALGEEDLSIKMSDRGGGVPLRKIERLFSYMYSTAPTPQPGTGGTPLAGFGYGLPIS
RLYAKYFQGDLQLFSMEGFGTDAVIYLKALSTDSVERLPVYNKSAWRHYQTIQEAGDWCVPSTEPKNTSTYRVS
;
_entity_poly.pdbx_strand_id   A
#
loop_
_chem_comp.id
_chem_comp.type
_chem_comp.name
_chem_comp.formula
5ZP non-polymer (3~{S})-3-[5-(8-cyclopropyl-2-methyl-9~{H}-pyrido[2,3-b]indol-3-yl)-1,3,4-oxadiazol-2-yl]-4-methyl-~{N}-[(1~{R})-1-phenylethyl]pentanamide 'C31 H33 N5 O2'
ACT non-polymer 'ACETATE ION' 'C2 H3 O2 -1'
CL non-polymer 'CHLORIDE ION' 'Cl -1'
DMS non-polymer 'DIMETHYL SULFOXIDE' 'C2 H6 O S'
#
# COMPACT_ATOMS: atom_id res chain seq x y z
N GLY A 1 26.22 5.14 -20.59
CA GLY A 1 26.26 4.35 -19.37
C GLY A 1 25.86 2.90 -19.61
N SER A 2 25.54 2.20 -18.52
CA SER A 2 25.16 0.79 -18.58
C SER A 2 23.77 0.55 -17.99
N ALA A 3 22.98 1.61 -17.81
CA ALA A 3 21.65 1.43 -17.24
C ALA A 3 20.75 0.57 -18.13
N PRO A 4 20.69 0.79 -19.44
CA PRO A 4 19.88 -0.11 -20.29
C PRO A 4 20.35 -1.55 -20.24
N LYS A 5 21.61 -1.79 -19.92
CA LYS A 5 22.13 -3.14 -19.83
C LYS A 5 21.70 -3.81 -18.53
N TYR A 6 21.83 -3.09 -17.40
CA TYR A 6 21.37 -3.64 -16.13
C TYR A 6 19.88 -3.98 -16.18
N ILE A 7 19.07 -3.09 -16.74
CA ILE A 7 17.64 -3.35 -16.83
C ILE A 7 17.37 -4.62 -17.63
N GLU A 8 18.05 -4.77 -18.76
CA GLU A 8 17.84 -5.95 -19.59
C GLU A 8 18.27 -7.21 -18.86
N HIS A 9 19.36 -7.16 -18.12
CA HIS A 9 19.86 -8.34 -17.42
C HIS A 9 18.91 -8.75 -16.29
N PHE A 10 18.63 -7.82 -15.38
CA PHE A 10 17.80 -8.13 -14.21
C PHE A 10 16.31 -8.22 -14.53
N SER A 11 15.89 -7.78 -15.73
CA SER A 11 14.50 -7.99 -16.13
C SER A 11 14.25 -9.42 -16.58
N LYS A 12 15.30 -10.18 -16.87
CA LYS A 12 15.13 -11.60 -17.20
C LYS A 12 14.81 -12.41 -15.95
N PHE A 13 15.25 -11.96 -14.79
CA PHE A 13 14.89 -12.59 -13.53
C PHE A 13 13.47 -12.19 -13.13
N SER A 14 12.78 -13.13 -12.47
CA SER A 14 11.43 -12.84 -12.02
C SER A 14 11.42 -12.44 -10.55
N PRO A 15 10.62 -11.46 -10.15
CA PRO A 15 10.53 -11.12 -8.73
C PRO A 15 10.16 -12.33 -7.88
N SER A 16 10.81 -12.46 -6.73
CA SER A 16 10.59 -13.60 -5.85
C SER A 16 9.62 -13.21 -4.75
N PRO A 17 8.36 -13.64 -4.79
CA PRO A 17 7.43 -13.29 -3.71
C PRO A 17 7.82 -13.98 -2.41
N LEU A 18 7.69 -13.25 -1.31
CA LEU A 18 8.01 -13.74 0.02
C LEU A 18 6.73 -13.87 0.85
N SER A 19 6.81 -14.69 1.88
CA SER A 19 5.70 -14.92 2.80
C SER A 19 5.98 -14.23 4.13
N MET A 20 4.90 -14.05 4.90
CA MET A 20 5.05 -13.47 6.23
C MET A 20 6.03 -14.27 7.08
N LYS A 21 6.01 -15.59 6.95
CA LYS A 21 6.96 -16.43 7.67
C LYS A 21 8.39 -16.09 7.27
N GLN A 22 8.65 -15.99 5.96
CA GLN A 22 9.98 -15.66 5.50
C GLN A 22 10.41 -14.28 5.99
N PHE A 23 9.48 -13.32 6.00
CA PHE A 23 9.80 -12.00 6.54
C PHE A 23 10.15 -12.10 8.02
N LEU A 24 9.38 -12.91 8.78
CA LEU A 24 9.65 -13.04 10.21
C LEU A 24 10.99 -13.73 10.45
N ASP A 25 11.35 -14.71 9.62
CA ASP A 25 12.61 -15.40 9.80
C ASP A 25 13.79 -14.54 9.37
N PHE A 26 13.61 -13.71 8.34
CA PHE A 26 14.69 -12.82 7.92
C PHE A 26 15.08 -11.84 9.01
N GLY A 27 14.13 -11.48 9.87
CA GLY A 27 14.39 -10.53 10.94
C GLY A 27 14.30 -11.14 12.32
N SER A 28 14.48 -12.45 12.42
CA SER A 28 14.44 -13.11 13.72
C SER A 28 15.47 -12.53 14.67
N SER A 29 16.70 -12.33 14.18
CA SER A 29 17.79 -11.82 15.00
C SER A 29 18.61 -10.85 14.15
N ASN A 30 19.67 -10.33 14.76
CA ASN A 30 20.59 -9.42 14.07
C ASN A 30 21.71 -10.14 13.34
N ALA A 31 21.78 -11.47 13.45
CA ALA A 31 22.80 -12.24 12.75
C ALA A 31 22.46 -12.49 11.29
N CYS A 32 21.27 -12.10 10.84
CA CYS A 32 20.84 -12.31 9.46
C CYS A 32 21.04 -11.07 8.60
N GLU A 33 21.74 -10.05 9.11
CA GLU A 33 21.98 -8.85 8.32
C GLU A 33 22.74 -9.17 7.03
N LYS A 34 23.64 -10.15 7.09
CA LYS A 34 24.40 -10.53 5.90
C LYS A 34 23.57 -11.38 4.94
N THR A 35 22.63 -12.16 5.45
CA THR A 35 21.73 -12.91 4.57
C THR A 35 20.75 -11.99 3.87
N SER A 36 20.32 -10.93 4.54
CA SER A 36 19.44 -9.95 3.90
C SER A 36 20.21 -9.10 2.90
N PHE A 37 21.46 -8.76 3.22
CA PHE A 37 22.29 -8.01 2.29
C PHE A 37 22.52 -8.80 1.01
N THR A 38 22.83 -10.10 1.13
CA THR A 38 23.04 -10.93 -0.05
C THR A 38 21.75 -11.11 -0.85
N PHE A 39 20.60 -11.06 -0.16
CA PHE A 39 19.32 -11.25 -0.85
C PHE A 39 18.83 -9.96 -1.48
N LEU A 40 18.94 -8.84 -0.76
CA LEU A 40 18.38 -7.58 -1.26
C LEU A 40 19.24 -6.97 -2.37
N ARG A 41 20.55 -7.21 -2.35
CA ARG A 41 21.40 -6.70 -3.42
C ARG A 41 21.12 -7.40 -4.74
N GLN A 42 20.42 -8.51 -4.73
CA GLN A 42 19.99 -9.20 -5.95
C GLN A 42 18.50 -9.08 -6.22
N GLU A 43 17.68 -9.00 -5.18
CA GLU A 43 16.23 -8.92 -5.37
C GLU A 43 15.80 -7.52 -5.78
N LEU A 44 16.29 -6.49 -5.08
CA LEU A 44 15.88 -5.13 -5.38
C LEU A 44 16.18 -4.74 -6.83
N PRO A 45 17.37 -5.03 -7.39
CA PRO A 45 17.58 -4.75 -8.82
C PRO A 45 16.56 -5.45 -9.71
N VAL A 46 16.19 -6.68 -9.38
CA VAL A 46 15.24 -7.42 -10.21
C VAL A 46 13.88 -6.73 -10.21
N ARG A 47 13.40 -6.34 -9.02
CA ARG A 47 12.11 -5.68 -8.94
C ARG A 47 12.16 -4.28 -9.55
N LEU A 48 13.26 -3.56 -9.32
CA LEU A 48 13.41 -2.24 -9.93
C LEU A 48 13.51 -2.34 -11.44
N ALA A 49 14.17 -3.38 -11.95
CA ALA A 49 14.35 -3.53 -13.38
C ALA A 49 13.08 -3.98 -14.08
N ASN A 50 12.30 -4.86 -13.43
CA ASN A 50 11.08 -5.36 -14.05
C ASN A 50 10.07 -4.25 -14.27
N ILE A 51 9.95 -3.34 -13.30
CA ILE A 51 9.03 -2.22 -13.45
C ILE A 51 9.60 -1.17 -14.40
N MET A 52 10.92 -0.97 -14.37
CA MET A 52 11.54 -0.03 -15.29
C MET A 52 11.34 -0.45 -16.74
N LYS A 53 11.31 -1.76 -17.00
CA LYS A 53 11.10 -2.22 -18.37
C LYS A 53 9.66 -2.00 -18.81
N GLU A 54 8.70 -2.12 -17.90
CA GLU A 54 7.32 -1.83 -18.25
C GLU A 54 7.10 -0.33 -18.46
N ILE A 55 7.81 0.50 -17.70
CA ILE A 55 7.74 1.95 -17.91
C ILE A 55 8.25 2.29 -19.30
N ASN A 56 9.33 1.64 -19.74
CA ASN A 56 9.90 1.93 -21.06
C ASN A 56 9.05 1.36 -22.18
N LEU A 57 8.14 0.43 -21.89
CA LEU A 57 7.23 -0.11 -22.88
C LEU A 57 5.90 0.63 -22.93
N LEU A 58 5.77 1.73 -22.19
CA LEU A 58 4.58 2.54 -22.23
C LEU A 58 4.51 3.30 -23.57
N PRO A 59 3.32 3.76 -23.95
CA PRO A 59 3.23 4.56 -25.18
C PRO A 59 4.06 5.83 -25.07
N ASP A 60 4.59 6.26 -26.21
CA ASP A 60 5.47 7.43 -26.21
C ASP A 60 4.75 8.67 -25.70
N ARG A 61 3.45 8.79 -25.94
CA ARG A 61 2.69 9.91 -25.43
C ARG A 61 2.71 9.97 -23.91
N VAL A 62 2.94 8.84 -23.24
CA VAL A 62 3.01 8.78 -21.79
C VAL A 62 4.47 8.75 -21.35
N LEU A 63 5.31 8.09 -22.15
CA LEU A 63 6.70 7.88 -21.75
C LEU A 63 7.50 9.18 -21.82
N SER A 64 7.20 10.04 -22.79
CA SER A 64 7.95 11.27 -22.98
C SER A 64 7.51 12.38 -22.02
N THR A 65 6.48 12.16 -21.21
CA THR A 65 6.03 13.19 -20.28
C THR A 65 7.11 13.44 -19.22
N PRO A 66 7.21 14.68 -18.73
CA PRO A 66 8.26 14.97 -17.73
C PRO A 66 8.08 14.18 -16.44
N SER A 67 6.85 13.76 -16.12
CA SER A 67 6.62 13.03 -14.87
C SER A 67 7.22 11.62 -14.95
N VAL A 68 6.91 10.89 -16.04
CA VAL A 68 7.44 9.54 -16.17
C VAL A 68 8.95 9.56 -16.26
N GLN A 69 9.53 10.61 -16.84
CA GLN A 69 10.98 10.69 -16.98
C GLN A 69 11.66 11.06 -15.66
N LEU A 70 11.00 11.86 -14.82
CA LEU A 70 11.56 12.17 -13.52
C LEU A 70 11.55 10.94 -12.60
N VAL A 71 10.48 10.15 -12.68
CA VAL A 71 10.43 8.91 -11.89
C VAL A 71 11.41 7.89 -12.46
N GLN A 72 11.45 7.76 -13.78
CA GLN A 72 12.42 6.86 -14.40
C GLN A 72 13.84 7.25 -14.03
N SER A 73 14.10 8.54 -13.83
CA SER A 73 15.42 8.97 -13.40
C SER A 73 15.75 8.44 -12.01
N TRP A 74 14.81 8.56 -11.08
CA TRP A 74 15.04 8.07 -9.73
C TRP A 74 15.30 6.57 -9.71
N TYR A 75 14.52 5.80 -10.47
CA TYR A 75 14.70 4.35 -10.49
C TYR A 75 16.08 3.98 -11.00
N VAL A 76 16.54 4.63 -12.08
CA VAL A 76 17.87 4.35 -12.61
C VAL A 76 18.94 4.66 -11.56
N GLN A 77 18.80 5.79 -10.87
CA GLN A 77 19.79 6.17 -9.87
C GLN A 77 19.80 5.19 -8.71
N SER A 78 18.63 4.67 -8.32
CA SER A 78 18.58 3.74 -7.21
C SER A 78 19.14 2.38 -7.62
N LEU A 79 18.86 1.93 -8.83
CA LEU A 79 19.47 0.72 -9.34
C LEU A 79 20.98 0.80 -9.28
N LEU A 80 21.55 1.87 -9.86
CA LEU A 80 23.01 2.02 -9.87
C LEU A 80 23.55 2.10 -8.44
N ASP A 81 22.82 2.73 -7.53
CA ASP A 81 23.25 2.81 -6.14
C ASP A 81 23.40 1.43 -5.54
N ILE A 82 22.61 0.47 -5.99
CA ILE A 82 22.68 -0.90 -5.47
C ILE A 82 23.71 -1.72 -6.23
N MET A 83 23.96 -1.40 -7.51
CA MET A 83 24.99 -2.09 -8.27
C MET A 83 26.32 -2.10 -7.54
N GLU A 84 26.62 -1.03 -6.80
CA GLU A 84 27.93 -0.89 -6.18
C GLU A 84 28.19 -1.98 -5.15
N PHE A 85 27.15 -2.50 -4.51
CA PHE A 85 27.30 -3.47 -3.45
C PHE A 85 27.31 -4.92 -3.94
N LEU A 86 27.22 -5.14 -5.25
CA LEU A 86 27.19 -6.50 -5.77
C LEU A 86 28.54 -7.19 -5.59
N ASP A 87 29.64 -6.44 -5.58
CA ASP A 87 30.97 -6.99 -5.47
C ASP A 87 31.59 -6.85 -4.08
N LYS A 88 30.97 -6.05 -3.20
CA LYS A 88 31.53 -5.84 -1.88
C LYS A 88 31.39 -7.10 -1.04
N ASP A 89 32.07 -7.10 0.11
CA ASP A 89 32.15 -8.29 0.96
C ASP A 89 31.10 -8.22 2.05
N PRO A 90 30.19 -9.18 2.15
CA PRO A 90 29.25 -9.17 3.29
C PRO A 90 29.93 -9.25 4.64
N GLU A 91 31.12 -9.85 4.72
CA GLU A 91 31.78 -10.01 6.01
C GLU A 91 32.22 -8.68 6.59
N ASP A 92 32.45 -7.68 5.74
CA ASP A 92 32.86 -6.35 6.21
C ASP A 92 31.63 -5.59 6.69
N HIS A 93 31.59 -5.28 7.99
N HIS A 93 31.59 -5.28 7.99
CA HIS A 93 30.43 -4.58 8.54
CA HIS A 93 30.43 -4.59 8.54
C HIS A 93 30.25 -3.21 7.89
C HIS A 93 30.26 -3.20 7.95
N ARG A 94 31.33 -2.61 7.40
CA ARG A 94 31.19 -1.32 6.71
C ARG A 94 30.38 -1.47 5.43
N THR A 95 30.51 -2.60 4.75
CA THR A 95 29.65 -2.86 3.59
C THR A 95 28.18 -2.92 4.00
N LEU A 96 27.90 -3.48 5.18
CA LEU A 96 26.51 -3.59 5.63
C LEU A 96 25.95 -2.24 6.05
N SER A 97 26.72 -1.48 6.83
CA SER A 97 26.24 -0.18 7.29
C SER A 97 26.04 0.79 6.14
N GLN A 98 26.89 0.69 5.11
CA GLN A 98 26.71 1.55 3.93
C GLN A 98 25.52 1.11 3.10
N PHE A 99 25.21 -0.19 3.10
CA PHE A 99 24.03 -0.67 2.40
C PHE A 99 22.75 -0.15 3.03
N THR A 100 22.68 -0.18 4.37
CA THR A 100 21.51 0.34 5.06
C THR A 100 21.34 1.83 4.78
N ASP A 101 22.42 2.61 4.89
CA ASP A 101 22.35 4.03 4.60
C ASP A 101 21.95 4.28 3.15
N ALA A 102 22.37 3.41 2.24
CA ALA A 102 22.02 3.58 0.83
C ALA A 102 20.53 3.34 0.60
N LEU A 103 19.94 2.38 1.31
CA LEU A 103 18.52 2.12 1.16
C LEU A 103 17.68 3.27 1.68
N VAL A 104 18.10 3.89 2.78
CA VAL A 104 17.37 5.04 3.31
C VAL A 104 17.36 6.18 2.31
N THR A 105 18.48 6.38 1.61
CA THR A 105 18.52 7.42 0.58
C THR A 105 17.60 7.08 -0.58
N ILE A 106 17.55 5.81 -0.97
CA ILE A 106 16.63 5.40 -2.04
C ILE A 106 15.19 5.56 -1.59
N ARG A 107 14.91 5.31 -0.30
CA ARG A 107 13.56 5.45 0.20
C ARG A 107 13.09 6.90 0.16
N ASN A 108 13.94 7.83 0.60
CA ASN A 108 13.60 9.24 0.58
C ASN A 108 13.60 9.81 -0.84
N ARG A 109 14.32 9.17 -1.76
CA ARG A 109 14.35 9.64 -3.14
C ARG A 109 13.04 9.37 -3.86
N HIS A 110 12.34 8.29 -3.47
CA HIS A 110 11.07 7.91 -4.07
C HIS A 110 9.88 8.24 -3.17
N ASN A 111 10.06 9.12 -2.20
CA ASN A 111 9.00 9.44 -1.26
C ASN A 111 7.92 10.34 -1.87
N ASP A 112 8.16 10.92 -3.04
CA ASP A 112 7.18 11.77 -3.69
C ASP A 112 6.85 11.24 -5.07
N VAL A 113 6.61 9.93 -5.19
CA VAL A 113 6.30 9.33 -6.47
C VAL A 113 4.79 9.32 -6.73
N VAL A 114 3.99 9.03 -5.71
CA VAL A 114 2.53 9.04 -5.90
C VAL A 114 2.03 10.40 -6.33
N PRO A 115 2.45 11.51 -5.71
CA PRO A 115 2.01 12.82 -6.22
C PRO A 115 2.56 13.12 -7.61
N THR A 116 3.82 12.74 -7.87
CA THR A 116 4.41 12.99 -9.18
C THR A 116 3.65 12.22 -10.27
N MET A 117 3.37 10.94 -10.02
CA MET A 117 2.60 10.16 -10.98
C MET A 117 1.16 10.65 -11.10
N ALA A 118 0.64 11.32 -10.07
CA ALA A 118 -0.70 11.89 -10.17
C ALA A 118 -0.70 13.12 -11.07
N GLN A 119 0.36 13.92 -11.01
CA GLN A 119 0.49 15.06 -11.91
C GLN A 119 0.49 14.62 -13.37
N GLY A 120 1.08 13.45 -13.66
CA GLY A 120 1.10 12.96 -15.03
C GLY A 120 -0.29 12.54 -15.51
N VAL A 121 -1.09 11.97 -14.61
CA VAL A 121 -2.45 11.61 -14.98
C VAL A 121 -3.26 12.85 -15.35
N LEU A 122 -3.10 13.93 -14.57
CA LEU A 122 -3.79 15.16 -14.87
C LEU A 122 -3.31 15.74 -16.20
N GLU A 123 -2.00 15.70 -16.44
CA GLU A 123 -1.48 16.17 -17.72
C GLU A 123 -2.05 15.38 -18.88
N TYR A 124 -2.13 14.06 -18.73
CA TYR A 124 -2.67 13.23 -19.81
C TYR A 124 -4.14 13.55 -20.04
N LYS A 125 -4.91 13.72 -18.97
CA LYS A 125 -6.33 14.06 -19.13
C LYS A 125 -6.51 15.33 -19.94
N ASP A 126 -5.69 16.36 -19.66
CA ASP A 126 -5.81 17.63 -20.35
C ASP A 126 -5.06 17.68 -21.67
N THR A 127 -4.21 16.69 -21.94
CA THR A 127 -3.42 16.66 -23.17
C THR A 127 -4.02 15.72 -24.23
N TYR A 128 -4.66 14.63 -23.81
CA TYR A 128 -5.21 13.66 -24.74
C TYR A 128 -6.66 13.28 -24.47
N GLY A 129 -7.18 13.52 -23.28
CA GLY A 129 -8.56 13.25 -22.95
C GLY A 129 -8.69 12.11 -21.94
N ASP A 130 -9.91 12.00 -21.40
CA ASP A 130 -10.24 10.98 -20.41
C ASP A 130 -11.10 9.91 -21.08
N ASP A 131 -10.48 9.14 -21.96
CA ASP A 131 -11.19 8.09 -22.68
C ASP A 131 -11.33 6.84 -21.81
N PRO A 132 -12.40 6.07 -21.99
CA PRO A 132 -12.53 4.82 -21.22
C PRO A 132 -11.36 3.87 -21.43
N VAL A 133 -10.80 3.82 -22.64
CA VAL A 133 -9.64 2.98 -22.88
C VAL A 133 -8.40 3.56 -22.21
N SER A 134 -8.29 4.89 -22.17
CA SER A 134 -7.17 5.50 -21.47
C SER A 134 -7.22 5.21 -19.98
N ASN A 135 -8.42 5.10 -19.41
CA ASN A 135 -8.55 4.81 -17.98
C ASN A 135 -8.01 3.43 -17.66
N GLN A 136 -8.35 2.42 -18.47
CA GLN A 136 -7.92 1.06 -18.19
C GLN A 136 -6.41 0.92 -18.36
N ASN A 137 -5.84 1.55 -19.38
CA ASN A 137 -4.40 1.47 -19.59
C ASN A 137 -3.65 2.16 -18.47
N ILE A 138 -4.16 3.27 -17.97
CA ILE A 138 -3.52 3.95 -16.84
C ILE A 138 -3.78 3.19 -15.55
N GLN A 139 -4.98 2.62 -15.41
CA GLN A 139 -5.28 1.80 -14.23
C GLN A 139 -4.39 0.56 -14.19
N TYR A 140 -4.20 -0.09 -15.34
CA TYR A 140 -3.38 -1.29 -15.38
C TYR A 140 -1.95 -1.00 -14.95
N PHE A 141 -1.38 0.10 -15.44
CA PHE A 141 0.02 0.42 -15.15
C PHE A 141 0.19 0.90 -13.71
N LEU A 142 -0.65 1.83 -13.27
CA LEU A 142 -0.47 2.41 -11.94
C LEU A 142 -0.70 1.36 -10.85
N ASP A 143 -1.68 0.47 -11.04
CA ASP A 143 -1.89 -0.59 -10.07
C ASP A 143 -0.65 -1.47 -9.94
N ARG A 144 0.01 -1.77 -11.06
CA ARG A 144 1.21 -2.59 -11.03
C ARG A 144 2.42 -1.77 -10.59
N PHE A 145 2.48 -0.49 -10.98
CA PHE A 145 3.60 0.35 -10.58
C PHE A 145 3.56 0.65 -9.09
N TYR A 146 2.38 0.95 -8.55
CA TYR A 146 2.27 1.25 -7.13
C TYR A 146 2.45 -0.02 -6.29
N LEU A 147 1.95 -1.15 -6.77
CA LEU A 147 2.13 -2.40 -6.04
C LEU A 147 3.61 -2.80 -6.00
N SER A 148 4.34 -2.53 -7.07
CA SER A 148 5.79 -2.77 -7.06
C SER A 148 6.47 -1.83 -6.07
N ARG A 149 6.05 -0.57 -6.02
CA ARG A 149 6.63 0.36 -5.06
C ARG A 149 6.40 -0.11 -3.63
N ILE A 150 5.19 -0.60 -3.34
CA ILE A 150 4.90 -1.09 -1.99
C ILE A 150 5.81 -2.26 -1.64
N SER A 151 6.06 -3.14 -2.60
CA SER A 151 6.91 -4.30 -2.34
C SER A 151 8.36 -3.87 -2.08
N ILE A 152 8.86 -2.91 -2.86
CA ILE A 152 10.24 -2.46 -2.68
C ILE A 152 10.40 -1.74 -1.36
N ARG A 153 9.40 -0.95 -0.96
CA ARG A 153 9.49 -0.24 0.31
C ARG A 153 9.32 -1.18 1.50
N MET A 154 8.60 -2.29 1.31
CA MET A 154 8.50 -3.29 2.37
C MET A 154 9.85 -3.92 2.64
N LEU A 155 10.57 -4.32 1.59
CA LEU A 155 11.90 -4.89 1.76
C LEU A 155 12.84 -3.90 2.44
N ILE A 156 12.85 -2.65 1.98
CA ILE A 156 13.75 -1.66 2.53
C ILE A 156 13.45 -1.40 3.99
N ASN A 157 12.17 -1.23 4.32
CA ASN A 157 11.79 -0.93 5.70
C ASN A 157 12.08 -2.11 6.62
N GLN A 158 11.98 -3.34 6.11
CA GLN A 158 12.26 -4.50 6.95
C GLN A 158 13.74 -4.61 7.29
N HIS A 159 14.61 -4.10 6.42
CA HIS A 159 16.04 -4.13 6.67
C HIS A 159 16.51 -2.94 7.50
N THR A 160 16.04 -1.74 7.18
CA THR A 160 16.47 -0.55 7.91
C THR A 160 15.90 -0.50 9.31
N LEU A 161 14.83 -1.23 9.59
CA LEU A 161 14.24 -1.25 10.93
C LEU A 161 14.76 -2.39 11.79
N ILE A 162 15.07 -3.54 11.19
CA ILE A 162 15.61 -4.66 11.95
C ILE A 162 17.11 -4.52 12.10
N PHE A 163 17.81 -4.24 11.00
CA PHE A 163 19.28 -4.22 10.99
C PHE A 163 19.79 -2.78 11.10
N ASP A 164 19.48 -2.15 12.24
CA ASP A 164 19.98 -0.83 12.57
C ASP A 164 20.23 -0.79 14.06
N GLY A 165 21.46 -0.48 14.45
CA GLY A 165 21.83 -0.60 15.86
C GLY A 165 21.78 -2.04 16.31
N SER A 166 21.21 -2.26 17.49
CA SER A 166 21.04 -3.61 18.03
C SER A 166 20.23 -3.58 19.31
N PRO A 172 12.14 -9.51 20.85
CA PRO A 172 11.49 -8.46 20.08
C PRO A 172 9.98 -8.68 19.91
N LYS A 173 9.19 -7.64 20.16
CA LYS A 173 7.75 -7.76 19.97
C LYS A 173 7.37 -7.62 18.50
N HIS A 174 7.83 -6.56 17.85
CA HIS A 174 7.55 -6.31 16.44
C HIS A 174 8.78 -6.66 15.62
N ILE A 175 8.57 -7.40 14.54
CA ILE A 175 9.65 -7.75 13.62
C ILE A 175 9.68 -6.72 12.51
N GLY A 176 10.12 -5.50 12.82
CA GLY A 176 10.15 -4.42 11.87
C GLY A 176 8.79 -3.79 11.69
N SER A 177 8.27 -3.81 10.47
CA SER A 177 6.94 -3.30 10.19
C SER A 177 5.84 -4.34 10.43
N ILE A 178 6.21 -5.58 10.72
CA ILE A 178 5.25 -6.66 10.93
C ILE A 178 5.02 -6.83 12.42
N ASP A 179 3.75 -6.92 12.82
CA ASP A 179 3.39 -7.20 14.21
C ASP A 179 2.79 -8.59 14.29
N PRO A 180 3.48 -9.56 14.91
CA PRO A 180 2.95 -10.94 14.92
C PRO A 180 1.71 -11.11 15.78
N ASN A 181 1.31 -10.09 16.55
CA ASN A 181 0.11 -10.15 17.37
C ASN A 181 -0.64 -8.82 17.25
N CYS A 182 -1.07 -8.51 16.03
CA CYS A 182 -1.74 -7.25 15.73
C CYS A 182 -3.23 -7.38 16.04
N ASN A 183 -3.71 -6.57 16.99
CA ASN A 183 -5.13 -6.52 17.31
C ASN A 183 -5.82 -5.60 16.30
N VAL A 184 -6.67 -6.18 15.45
CA VAL A 184 -7.30 -5.41 14.39
C VAL A 184 -8.14 -4.29 14.98
N SER A 185 -8.84 -4.57 16.08
CA SER A 185 -9.71 -3.56 16.68
C SER A 185 -8.93 -2.34 17.13
N GLU A 186 -7.71 -2.54 17.62
CA GLU A 186 -6.90 -1.41 18.08
C GLU A 186 -6.50 -0.53 16.91
N VAL A 187 -6.18 -1.12 15.76
CA VAL A 187 -5.85 -0.33 14.58
C VAL A 187 -7.08 0.39 14.06
N VAL A 188 -8.26 -0.22 14.20
CA VAL A 188 -9.49 0.44 13.78
C VAL A 188 -9.75 1.68 14.63
N LYS A 189 -9.56 1.56 15.95
CA LYS A 189 -9.77 2.70 16.83
C LYS A 189 -8.76 3.81 16.54
N ASP A 190 -7.50 3.44 16.30
CA ASP A 190 -6.48 4.45 16.02
C ASP A 190 -6.78 5.22 14.74
N ALA A 191 -7.25 4.51 13.72
CA ALA A 191 -7.59 5.19 12.45
C ALA A 191 -8.83 6.05 12.62
N TYR A 192 -9.82 5.58 13.38
CA TYR A 192 -11.01 6.38 13.62
C TYR A 192 -10.68 7.64 14.41
N ASP A 193 -9.83 7.52 15.42
CA ASP A 193 -9.50 8.68 16.24
C ASP A 193 -8.82 9.77 15.41
N MET A 194 -7.98 9.38 14.46
CA MET A 194 -7.31 10.36 13.61
C MET A 194 -8.32 11.04 12.68
N ALA A 195 -9.19 10.25 12.05
CA ALA A 195 -10.21 10.83 11.19
C ALA A 195 -11.21 11.66 11.98
N LYS A 196 -11.47 11.28 13.24
CA LYS A 196 -12.38 12.07 14.06
C LYS A 196 -11.81 13.45 14.33
N LEU A 197 -10.52 13.52 14.67
CA LEU A 197 -9.89 14.82 14.90
C LEU A 197 -9.99 15.70 13.67
N LEU A 198 -9.76 15.13 12.49
CA LEU A 198 -9.86 15.92 11.26
C LEU A 198 -11.31 16.30 10.96
N CYS A 199 -12.25 15.39 11.25
CA CYS A 199 -13.66 15.68 10.98
C CYS A 199 -14.23 16.68 11.97
N ASP A 200 -13.79 16.61 13.23
CA ASP A 200 -14.27 17.55 14.24
C ASP A 200 -13.81 18.98 13.98
N LYS A 201 -12.71 19.17 13.26
CA LYS A 201 -12.18 20.50 13.00
C LYS A 201 -12.73 21.12 11.72
N TYR A 202 -13.11 20.29 10.74
CA TYR A 202 -13.61 20.81 9.47
C TYR A 202 -15.13 20.94 9.47
N TYR A 203 -15.84 20.02 10.11
CA TYR A 203 -17.29 20.00 10.12
C TYR A 203 -17.91 20.30 11.48
N MET A 204 -17.11 20.39 12.54
CA MET A 204 -17.61 20.65 13.88
C MET A 204 -18.57 19.55 14.34
N ALA A 205 -18.41 18.35 13.80
CA ALA A 205 -19.23 17.21 14.15
C ALA A 205 -18.57 15.95 13.61
N SER A 206 -18.68 14.86 14.36
CA SER A 206 -18.01 13.61 13.99
C SER A 206 -18.92 12.43 14.35
N PRO A 207 -19.12 11.49 13.43
CA PRO A 207 -19.86 10.27 13.78
C PRO A 207 -19.12 9.45 14.83
N ASP A 208 -19.89 8.64 15.56
CA ASP A 208 -19.32 7.76 16.57
C ASP A 208 -18.91 6.43 15.93
N LEU A 209 -18.24 5.59 16.73
CA LEU A 209 -17.71 4.32 16.27
C LEU A 209 -18.35 3.18 17.04
N GLU A 210 -18.54 2.05 16.35
CA GLU A 210 -19.08 0.84 16.96
C GLU A 210 -18.37 -0.35 16.34
N ILE A 211 -17.63 -1.10 17.16
CA ILE A 211 -16.87 -2.25 16.72
C ILE A 211 -17.52 -3.51 17.26
N GLN A 212 -17.54 -4.55 16.43
CA GLN A 212 -18.05 -5.86 16.82
C GLN A 212 -17.14 -6.93 16.25
N GLU A 213 -16.72 -7.88 17.08
CA GLU A 213 -15.82 -8.94 16.67
C GLU A 213 -16.58 -10.26 16.58
N ILE A 214 -16.21 -11.08 15.61
CA ILE A 214 -16.84 -12.38 15.40
C ILE A 214 -15.75 -13.43 15.18
N ASN A 215 -15.21 -13.95 16.28
CA ASN A 215 -14.23 -15.05 16.21
C ASN A 215 -15.00 -16.36 16.20
N ALA A 216 -15.08 -16.98 15.02
CA ALA A 216 -15.94 -18.15 14.86
C ALA A 216 -15.42 -19.34 15.66
N ALA A 217 -14.12 -19.62 15.56
CA ALA A 217 -13.56 -20.79 16.21
C ALA A 217 -13.24 -20.57 17.69
N ASN A 218 -13.22 -19.31 18.15
CA ASN A 218 -12.91 -19.01 19.55
C ASN A 218 -13.73 -17.77 19.94
N SER A 219 -15.02 -17.99 20.19
CA SER A 219 -15.92 -16.90 20.54
C SER A 219 -15.39 -16.12 21.74
N LYS A 220 -15.47 -14.79 21.67
CA LYS A 220 -15.06 -13.88 22.71
C LYS A 220 -13.54 -13.83 22.90
N GLN A 221 -12.78 -14.50 22.05
CA GLN A 221 -11.32 -14.40 22.09
C GLN A 221 -10.87 -13.26 21.19
N PRO A 222 -10.12 -12.28 21.70
CA PRO A 222 -9.72 -11.15 20.84
C PRO A 222 -9.05 -11.64 19.57
N ILE A 223 -9.31 -10.92 18.47
CA ILE A 223 -8.82 -11.30 17.15
C ILE A 223 -7.44 -10.69 16.95
N HIS A 224 -6.45 -11.53 16.67
CA HIS A 224 -5.10 -11.09 16.38
C HIS A 224 -4.64 -11.72 15.07
N MET A 225 -3.66 -11.09 14.43
CA MET A 225 -3.14 -11.58 13.17
C MET A 225 -1.71 -11.11 12.99
N VAL A 226 -1.01 -11.75 12.06
CA VAL A 226 0.32 -11.33 11.64
C VAL A 226 0.15 -10.44 10.42
N TYR A 227 0.46 -9.16 10.56
CA TYR A 227 0.23 -8.20 9.49
C TYR A 227 1.04 -6.95 9.76
N VAL A 228 1.09 -6.07 8.76
CA VAL A 228 1.76 -4.78 8.87
C VAL A 228 0.75 -3.75 9.36
N PRO A 229 0.73 -3.40 10.64
CA PRO A 229 -0.30 -2.46 11.12
C PRO A 229 -0.33 -1.14 10.36
N SER A 230 0.82 -0.67 9.87
CA SER A 230 0.83 0.60 9.15
C SER A 230 0.00 0.52 7.86
N HIS A 231 0.05 -0.63 7.19
CA HIS A 231 -0.76 -0.81 5.98
C HIS A 231 -2.25 -0.87 6.32
N LEU A 232 -2.59 -1.56 7.42
CA LEU A 232 -3.99 -1.64 7.82
C LEU A 232 -4.51 -0.28 8.28
N TYR A 233 -3.67 0.49 8.97
CA TYR A 233 -4.07 1.84 9.37
C TYR A 233 -4.37 2.70 8.15
N HIS A 234 -3.53 2.63 7.12
CA HIS A 234 -3.74 3.45 5.93
C HIS A 234 -5.07 3.12 5.26
N MET A 235 -5.39 1.83 5.13
CA MET A 235 -6.64 1.44 4.49
C MET A 235 -7.84 1.89 5.31
N LEU A 236 -7.82 1.64 6.61
CA LEU A 236 -8.94 2.03 7.46
C LEU A 236 -9.05 3.54 7.57
N PHE A 237 -7.91 4.25 7.59
CA PHE A 237 -7.95 5.70 7.72
C PHE A 237 -8.63 6.35 6.52
N GLU A 238 -8.32 5.86 5.31
N GLU A 238 -8.32 5.87 5.31
CA GLU A 238 -8.94 6.43 4.12
CA GLU A 238 -8.95 6.43 4.13
C GLU A 238 -10.43 6.12 4.08
C GLU A 238 -10.44 6.12 4.10
N LEU A 239 -10.82 4.91 4.49
CA LEU A 239 -12.24 4.55 4.48
C LEU A 239 -13.02 5.38 5.50
N PHE A 240 -12.43 5.64 6.66
CA PHE A 240 -13.12 6.43 7.68
C PHE A 240 -13.34 7.86 7.19
N LYS A 241 -12.36 8.45 6.51
CA LYS A 241 -12.48 9.83 6.06
C LYS A 241 -13.65 9.98 5.09
N ASN A 242 -13.78 9.07 4.13
CA ASN A 242 -14.89 9.14 3.19
C ASN A 242 -16.22 8.85 3.88
N ALA A 243 -16.22 7.92 4.83
CA ALA A 243 -17.46 7.57 5.51
C ALA A 243 -17.95 8.69 6.40
N MET A 244 -17.03 9.42 7.03
CA MET A 244 -17.43 10.52 7.91
C MET A 244 -17.94 11.71 7.12
N ARG A 245 -17.23 12.08 6.05
CA ARG A 245 -17.70 13.19 5.22
C ARG A 245 -19.09 12.92 4.67
N ALA A 246 -19.36 11.67 4.29
CA ALA A 246 -20.68 11.33 3.78
C ALA A 246 -21.73 11.33 4.88
N THR A 247 -21.39 10.76 6.05
CA THR A 247 -22.34 10.72 7.15
C THR A 247 -22.70 12.12 7.63
N VAL A 248 -21.73 13.03 7.62
CA VAL A 248 -21.98 14.39 8.12
C VAL A 248 -22.67 15.23 7.05
N GLU A 249 -22.13 15.23 5.83
CA GLU A 249 -22.71 16.04 4.76
C GLU A 249 -24.13 15.59 4.41
N SER A 250 -24.48 14.33 4.68
CA SER A 250 -25.82 13.84 4.39
C SER A 250 -26.81 14.16 5.51
N HIS A 251 -26.32 14.44 6.72
CA HIS A 251 -27.17 14.77 7.86
C HIS A 251 -26.93 16.20 8.35
N GLU A 252 -26.53 17.10 7.44
CA GLU A 252 -26.33 18.48 7.83
C GLU A 252 -27.63 19.13 8.27
N SER A 253 -28.73 18.80 7.59
CA SER A 253 -30.04 19.33 7.93
C SER A 253 -30.79 18.47 8.95
N SER A 254 -30.12 17.46 9.52
CA SER A 254 -30.70 16.60 10.53
C SER A 254 -29.92 16.75 11.84
N LEU A 255 -30.47 16.16 12.90
CA LEU A 255 -29.84 16.18 14.22
C LEU A 255 -29.17 14.87 14.57
N ILE A 256 -29.76 13.74 14.17
CA ILE A 256 -29.15 12.44 14.40
C ILE A 256 -27.96 12.28 13.45
N LEU A 257 -26.82 11.87 14.00
CA LEU A 257 -25.63 11.57 13.22
C LEU A 257 -25.34 10.08 13.31
N PRO A 258 -25.74 9.28 12.32
CA PRO A 258 -25.59 7.83 12.46
C PRO A 258 -24.15 7.45 12.71
N PRO A 259 -23.91 6.39 13.48
CA PRO A 259 -22.53 5.95 13.74
C PRO A 259 -21.96 5.15 12.58
N ILE A 260 -20.64 5.07 12.55
CA ILE A 260 -19.91 4.28 11.57
C ILE A 260 -19.60 2.94 12.23
N LYS A 261 -20.33 1.90 11.85
CA LYS A 261 -20.19 0.58 12.43
C LYS A 261 -19.10 -0.20 11.70
N VAL A 262 -18.38 -1.03 12.47
CA VAL A 262 -17.28 -1.84 11.94
C VAL A 262 -17.41 -3.25 12.49
N MET A 263 -17.28 -4.24 11.60
CA MET A 263 -17.32 -5.65 11.97
C MET A 263 -15.99 -6.28 11.63
N VAL A 264 -15.38 -6.96 12.61
CA VAL A 264 -14.16 -7.72 12.41
C VAL A 264 -14.49 -9.20 12.58
N ALA A 265 -14.36 -9.97 11.50
CA ALA A 265 -14.67 -11.38 11.50
C ALA A 265 -13.41 -12.19 11.20
N LEU A 266 -13.24 -13.28 11.95
CA LEU A 266 -12.11 -14.18 11.79
C LEU A 266 -12.62 -15.56 11.43
N GLY A 267 -12.29 -16.03 10.22
CA GLY A 267 -12.67 -17.34 9.76
C GLY A 267 -11.49 -18.28 9.69
N GLU A 268 -11.71 -19.40 8.98
CA GLU A 268 -10.66 -20.38 8.79
C GLU A 268 -9.65 -19.96 7.74
N GLU A 269 -9.99 -18.99 6.89
CA GLU A 269 -9.08 -18.53 5.84
C GLU A 269 -9.05 -17.02 5.65
N ASP A 270 -10.11 -16.29 5.99
CA ASP A 270 -10.18 -14.86 5.74
C ASP A 270 -10.42 -14.10 7.05
N LEU A 271 -9.89 -12.88 7.09
CA LEU A 271 -10.14 -11.94 8.17
C LEU A 271 -10.70 -10.66 7.55
N SER A 272 -12.00 -10.46 7.69
CA SER A 272 -12.70 -9.36 7.03
C SER A 272 -12.95 -8.22 8.02
N ILE A 273 -12.99 -7.00 7.48
CA ILE A 273 -13.28 -5.80 8.27
C ILE A 273 -14.29 -4.97 7.48
N LYS A 274 -15.58 -5.17 7.77
CA LYS A 274 -16.61 -4.35 7.15
C LYS A 274 -16.65 -2.97 7.82
N MET A 275 -17.06 -1.98 7.04
CA MET A 275 -17.25 -0.62 7.54
C MET A 275 -18.48 -0.04 6.89
N SER A 276 -19.52 0.24 7.68
CA SER A 276 -20.79 0.71 7.18
C SER A 276 -21.03 2.15 7.65
N ASP A 277 -21.72 2.90 6.80
CA ASP A 277 -22.12 4.27 7.12
C ASP A 277 -23.51 4.52 6.54
N ARG A 278 -24.11 5.62 6.97
CA ARG A 278 -25.39 6.05 6.42
C ARG A 278 -25.25 7.43 5.77
N GLY A 279 -24.43 7.50 4.71
CA GLY A 279 -24.10 8.74 4.05
C GLY A 279 -24.87 9.04 2.78
N GLY A 280 -25.94 8.30 2.50
CA GLY A 280 -26.71 8.47 1.29
C GLY A 280 -26.21 7.69 0.09
N GLY A 281 -25.24 6.79 0.29
CA GLY A 281 -24.79 5.89 -0.75
C GLY A 281 -24.30 6.56 -2.02
N VAL A 282 -23.85 5.75 -2.96
CA VAL A 282 -23.35 6.20 -4.26
C VAL A 282 -24.04 5.38 -5.34
N PRO A 283 -24.51 5.98 -6.43
CA PRO A 283 -25.10 5.16 -7.50
C PRO A 283 -24.10 4.17 -8.05
N LEU A 284 -24.63 3.00 -8.47
CA LEU A 284 -23.76 1.94 -8.98
C LEU A 284 -22.97 2.41 -10.20
N ARG A 285 -23.55 3.27 -11.02
CA ARG A 285 -22.88 3.74 -12.23
C ARG A 285 -21.57 4.46 -11.90
N LYS A 286 -21.44 5.02 -10.70
CA LYS A 286 -20.28 5.82 -10.33
C LYS A 286 -19.37 5.10 -9.33
N ILE A 287 -19.64 3.83 -9.02
CA ILE A 287 -18.81 3.12 -8.05
C ILE A 287 -17.41 2.88 -8.61
N GLU A 288 -17.29 2.69 -9.93
CA GLU A 288 -15.98 2.46 -10.52
C GLU A 288 -15.07 3.68 -10.38
N ARG A 289 -15.65 4.87 -10.32
CA ARG A 289 -14.84 6.09 -10.23
C ARG A 289 -14.09 6.17 -8.91
N LEU A 290 -14.54 5.47 -7.87
CA LEU A 290 -13.88 5.56 -6.57
C LEU A 290 -12.50 4.92 -6.59
N PHE A 291 -12.31 3.87 -7.40
CA PHE A 291 -11.03 3.19 -7.50
C PHE A 291 -10.31 3.51 -8.81
N SER A 292 -10.71 4.59 -9.48
CA SER A 292 -10.10 4.98 -10.75
C SER A 292 -9.15 6.15 -10.52
N TYR A 293 -7.90 5.99 -10.98
CA TYR A 293 -6.93 7.07 -10.85
C TYR A 293 -7.33 8.27 -11.71
N MET A 294 -7.83 8.01 -12.92
CA MET A 294 -8.19 9.10 -13.82
C MET A 294 -9.42 9.85 -13.33
N TYR A 295 -10.44 9.13 -12.88
CA TYR A 295 -11.66 9.76 -12.40
C TYR A 295 -11.55 10.28 -10.97
N SER A 296 -10.44 10.00 -10.29
CA SER A 296 -10.16 10.56 -8.97
C SER A 296 -9.16 11.71 -9.04
N THR A 297 -8.78 12.14 -10.24
CA THR A 297 -7.82 13.21 -10.43
C THR A 297 -8.55 14.50 -10.79
N ALA A 298 -8.07 15.61 -10.26
CA ALA A 298 -8.64 16.92 -10.54
C ALA A 298 -7.58 17.98 -10.26
N PRO A 299 -7.68 19.16 -10.90
CA PRO A 299 -6.72 20.24 -10.65
C PRO A 299 -6.56 20.59 -9.18
N GLY A 314 -7.55 12.37 -4.94
CA GLY A 314 -6.65 11.57 -4.14
C GLY A 314 -6.68 10.10 -4.53
N TYR A 315 -5.54 9.43 -4.37
CA TYR A 315 -5.39 8.01 -4.68
C TYR A 315 -5.42 7.15 -3.43
N GLY A 316 -6.08 7.61 -2.36
CA GLY A 316 -6.13 6.84 -1.14
C GLY A 316 -6.83 5.51 -1.32
N LEU A 317 -8.03 5.53 -1.92
CA LEU A 317 -8.79 4.29 -2.07
C LEU A 317 -8.14 3.34 -3.07
N PRO A 318 -7.74 3.79 -4.27
CA PRO A 318 -7.03 2.86 -5.17
C PRO A 318 -5.79 2.24 -4.54
N ILE A 319 -4.99 3.04 -3.82
CA ILE A 319 -3.79 2.50 -3.20
C ILE A 319 -4.14 1.67 -1.98
N SER A 320 -5.25 2.00 -1.31
CA SER A 320 -5.68 1.18 -0.17
C SER A 320 -6.03 -0.23 -0.62
N ARG A 321 -6.64 -0.37 -1.79
CA ARG A 321 -6.93 -1.70 -2.32
C ARG A 321 -5.66 -2.44 -2.69
N LEU A 322 -4.62 -1.71 -3.10
CA LEU A 322 -3.35 -2.37 -3.42
C LEU A 322 -2.67 -2.89 -2.17
N TYR A 323 -2.72 -2.12 -1.08
CA TYR A 323 -2.18 -2.60 0.19
C TYR A 323 -2.85 -3.91 0.62
N ALA A 324 -4.14 -4.05 0.32
CA ALA A 324 -4.83 -5.29 0.68
C ALA A 324 -4.43 -6.43 -0.24
N LYS A 325 -4.35 -6.17 -1.55
CA LYS A 325 -3.94 -7.19 -2.50
C LYS A 325 -2.45 -7.54 -2.39
N TYR A 326 -1.68 -6.75 -1.64
CA TYR A 326 -0.25 -7.00 -1.54
C TYR A 326 0.05 -8.33 -0.87
N PHE A 327 -0.82 -8.77 0.04
CA PHE A 327 -0.67 -10.06 0.73
C PHE A 327 -1.88 -10.94 0.45
N GLN A 328 -2.32 -10.99 -0.80
CA GLN A 328 -3.41 -11.89 -1.23
C GLN A 328 -4.74 -11.48 -0.59
N GLY A 329 -4.97 -10.17 -0.49
CA GLY A 329 -6.21 -9.63 0.01
C GLY A 329 -6.98 -8.87 -1.06
N ASP A 330 -7.95 -8.09 -0.61
CA ASP A 330 -8.75 -7.29 -1.52
C ASP A 330 -9.59 -6.31 -0.71
N LEU A 331 -9.99 -5.22 -1.37
CA LEU A 331 -10.84 -4.19 -0.77
C LEU A 331 -11.98 -3.92 -1.73
N GLN A 332 -13.21 -4.21 -1.30
CA GLN A 332 -14.38 -4.12 -2.15
C GLN A 332 -15.41 -3.18 -1.54
N LEU A 333 -16.11 -2.46 -2.41
CA LEU A 333 -17.14 -1.51 -2.01
C LEU A 333 -18.48 -1.91 -2.59
N PHE A 334 -19.54 -1.77 -1.78
N PHE A 334 -19.52 -1.76 -1.77
CA PHE A 334 -20.90 -2.02 -2.25
CA PHE A 334 -20.90 -2.04 -2.16
C PHE A 334 -21.83 -1.07 -1.54
C PHE A 334 -21.79 -1.01 -1.50
N SER A 335 -22.45 -0.17 -2.30
CA SER A 335 -23.28 0.91 -1.78
C SER A 335 -24.75 0.67 -2.10
N MET A 336 -25.59 1.45 -1.42
CA MET A 336 -27.04 1.45 -1.65
C MET A 336 -27.48 2.91 -1.66
N GLU A 337 -27.69 3.46 -2.86
CA GLU A 337 -28.06 4.86 -2.97
C GLU A 337 -29.32 5.15 -2.16
N GLY A 338 -29.26 6.19 -1.34
CA GLY A 338 -30.33 6.57 -0.46
C GLY A 338 -30.16 6.11 0.98
N PHE A 339 -29.24 5.19 1.23
CA PHE A 339 -28.99 4.69 2.58
C PHE A 339 -27.53 4.90 2.97
N GLY A 340 -26.64 4.06 2.47
CA GLY A 340 -25.25 4.19 2.82
C GLY A 340 -24.37 3.25 2.02
N THR A 341 -23.10 3.18 2.41
CA THR A 341 -22.10 2.40 1.72
C THR A 341 -21.41 1.46 2.70
N ASP A 342 -20.95 0.31 2.18
CA ASP A 342 -20.21 -0.66 2.95
C ASP A 342 -18.86 -0.91 2.31
N ALA A 343 -17.86 -1.21 3.14
CA ALA A 343 -16.50 -1.47 2.68
C ALA A 343 -15.93 -2.61 3.49
N VAL A 344 -15.41 -3.63 2.79
CA VAL A 344 -14.85 -4.82 3.43
C VAL A 344 -13.39 -4.95 3.02
N ILE A 345 -12.51 -5.05 4.01
CA ILE A 345 -11.09 -5.31 3.79
C ILE A 345 -10.87 -6.80 3.97
N TYR A 346 -10.58 -7.50 2.89
CA TYR A 346 -10.34 -8.95 2.93
C TYR A 346 -8.86 -9.21 3.12
N LEU A 347 -8.51 -9.87 4.23
CA LEU A 347 -7.15 -10.23 4.54
C LEU A 347 -7.05 -11.72 4.79
N LYS A 348 -5.86 -12.27 4.58
CA LYS A 348 -5.60 -13.68 4.86
C LYS A 348 -5.30 -13.85 6.35
N ALA A 349 -6.07 -14.71 7.02
CA ALA A 349 -5.94 -14.86 8.46
C ALA A 349 -4.66 -15.62 8.82
N LEU A 350 -4.20 -16.52 7.97
CA LEU A 350 -3.06 -17.36 8.24
C LEU A 350 -1.80 -16.79 7.60
N SER A 351 -0.69 -16.84 8.33
CA SER A 351 0.57 -16.32 7.81
C SER A 351 1.06 -17.13 6.62
N THR A 352 0.74 -18.43 6.58
CA THR A 352 1.22 -19.27 5.48
C THR A 352 0.61 -18.83 4.15
N ASP A 353 -0.59 -18.27 4.18
CA ASP A 353 -1.24 -17.80 2.96
C ASP A 353 -0.96 -16.33 2.66
N SER A 354 -0.26 -15.63 3.55
CA SER A 354 0.07 -14.22 3.34
C SER A 354 1.38 -14.14 2.56
N VAL A 355 1.26 -14.17 1.24
CA VAL A 355 2.42 -14.13 0.35
C VAL A 355 2.33 -12.87 -0.50
N GLU A 356 3.49 -12.34 -0.86
CA GLU A 356 3.54 -11.13 -1.66
C GLU A 356 2.89 -11.34 -3.02
N ARG A 357 2.07 -10.38 -3.44
CA ARG A 357 1.50 -10.35 -4.78
C ARG A 357 2.26 -9.30 -5.57
N LEU A 358 3.11 -9.75 -6.50
CA LEU A 358 3.98 -8.85 -7.25
C LEU A 358 3.59 -8.83 -8.72
N PRO A 359 3.73 -7.68 -9.41
CA PRO A 359 3.38 -7.59 -10.82
C PRO A 359 4.31 -8.40 -11.72
CL CL B . 8.82 4.31 -6.45
C ACT C . 11.19 2.91 -3.18
O ACT C . 11.42 3.11 -1.96
OXT ACT C . 10.07 2.84 -3.78
CH3 ACT C . 12.43 2.75 -4.11
S DMS D . 14.42 -8.34 4.21
O DMS D . 14.92 -8.60 5.59
C1 DMS D . 15.07 -9.60 3.09
C2 DMS D . 12.65 -8.74 4.13
S DMS E . 0.58 8.69 -15.89
O DMS E . 0.90 7.24 -15.62
C1 DMS E . -0.41 8.83 -17.39
C2 DMS E . 2.09 9.56 -16.40
C2 5ZP F . -17.04 6.21 0.29
C3 5ZP F . -17.62 5.59 1.46
C4 5ZP F . -16.93 4.58 2.18
C5 5ZP F . -15.64 4.20 1.72
C6 5ZP F . -15.07 4.80 0.59
N1 5ZP F . -18.88 6.16 1.65
C7 5ZP F . -15.75 5.80 -0.11
C8 5ZP F . -19.11 7.11 0.67
C9 5ZP F . -17.99 7.17 -0.19
C10 5ZP F . -18.07 8.09 -1.25
C11 5ZP F . -19.22 8.90 -1.39
C12 5ZP F . -20.28 8.74 -0.47
C14 5ZP F . -17.51 3.91 3.40
C15 5ZP F . -16.83 2.88 4.26
C16 5ZP F . -18.01 2.49 3.42
C17 5ZP F . -19.24 9.83 -2.52
C18 5ZP F . -21.56 9.54 -0.53
C20 5ZP F . -18.74 10.60 -4.41
C23 5ZP F . -18.09 10.67 -5.76
C24 5ZP F . -16.56 10.80 -5.58
C25 5ZP F . -18.60 9.55 -6.73
C26 5ZP F . -16.19 11.92 -4.63
C29 5ZP F . -15.50 12.47 -2.29
C30 5ZP F . -17.73 9.42 -8.00
C31 5ZP F . -20.08 9.68 -7.10
C32 5ZP F . -14.11 12.15 -1.72
C33 5ZP F . -16.59 12.37 -1.23
C34 5ZP F . -16.64 11.27 -0.35
C35 5ZP F . -17.64 11.19 0.63
C36 5ZP F . -18.61 12.21 0.74
C37 5ZP F . -18.56 13.32 -0.13
C38 5ZP F . -17.56 13.40 -1.11
N13 5ZP F . -20.24 7.86 0.57
N21 5ZP F . -19.59 11.47 -3.88
N22 5ZP F . -19.91 10.97 -2.64
N28 5ZP F . -15.85 11.57 -3.38
O19 5ZP F . -18.48 9.53 -3.61
O27 5ZP F . -16.19 13.09 -5.01
#